data_6DKZ
# 
_entry.id   6DKZ 
# 
_audit_conform.dict_name       mmcif_pdbx.dic 
_audit_conform.dict_version    5.398 
_audit_conform.dict_location   http://mmcif.pdb.org/dictionaries/ascii/mmcif_pdbx.dic 
# 
loop_
_database_2.database_id 
_database_2.database_code 
_database_2.pdbx_database_accession 
_database_2.pdbx_DOI 
PDB   6DKZ         pdb_00006dkz 10.2210/pdb6dkz/pdb 
WWPDB D_1000234833 ?            ?                   
# 
loop_
_pdbx_audit_revision_history.ordinal 
_pdbx_audit_revision_history.data_content_type 
_pdbx_audit_revision_history.major_revision 
_pdbx_audit_revision_history.minor_revision 
_pdbx_audit_revision_history.revision_date 
1 'Structure model' 1 0 2018-11-14 
2 'Structure model' 1 1 2018-12-05 
3 'Structure model' 1 2 2020-01-01 
4 'Structure model' 1 3 2024-11-13 
# 
_pdbx_audit_revision_details.ordinal             1 
_pdbx_audit_revision_details.revision_ordinal    1 
_pdbx_audit_revision_details.data_content_type   'Structure model' 
_pdbx_audit_revision_details.provider            repository 
_pdbx_audit_revision_details.type                'Initial release' 
_pdbx_audit_revision_details.description         ? 
_pdbx_audit_revision_details.details             ? 
# 
loop_
_pdbx_audit_revision_group.ordinal 
_pdbx_audit_revision_group.revision_ordinal 
_pdbx_audit_revision_group.data_content_type 
_pdbx_audit_revision_group.group 
1 2 'Structure model' 'Data collection'            
2 2 'Structure model' 'Database references'        
3 3 'Structure model' 'Author supporting evidence' 
4 3 'Structure model' 'Derived calculations'       
5 4 'Structure model' 'Data collection'            
6 4 'Structure model' 'Database references'        
7 4 'Structure model' 'Structure summary'          
# 
loop_
_pdbx_audit_revision_category.ordinal 
_pdbx_audit_revision_category.revision_ordinal 
_pdbx_audit_revision_category.data_content_type 
_pdbx_audit_revision_category.category 
1 2 'Structure model' citation                  
2 3 'Structure model' pdbx_audit_support        
3 3 'Structure model' struct_conn               
4 4 'Structure model' chem_comp_atom            
5 4 'Structure model' chem_comp_bond            
6 4 'Structure model' database_2                
7 4 'Structure model' pdbx_entry_details        
8 4 'Structure model' pdbx_modification_feature 
# 
loop_
_pdbx_audit_revision_item.ordinal 
_pdbx_audit_revision_item.revision_ordinal 
_pdbx_audit_revision_item.data_content_type 
_pdbx_audit_revision_item.item 
1 2 'Structure model' '_citation.journal_volume'                 
2 2 'Structure model' '_citation.page_first'                     
3 2 'Structure model' '_citation.page_last'                      
4 3 'Structure model' '_pdbx_audit_support.funding_organization' 
5 3 'Structure model' '_struct_conn.pdbx_leaving_atom_flag'      
6 4 'Structure model' '_database_2.pdbx_DOI'                     
7 4 'Structure model' '_database_2.pdbx_database_accession'      
# 
_pdbx_database_status.status_code                     REL 
_pdbx_database_status.status_code_sf                  REL 
_pdbx_database_status.status_code_mr                  ? 
_pdbx_database_status.entry_id                        6DKZ 
_pdbx_database_status.recvd_initial_deposition_date   2018-05-31 
_pdbx_database_status.SG_entry                        N 
_pdbx_database_status.deposit_site                    RCSB 
_pdbx_database_status.process_site                    RCSB 
_pdbx_database_status.status_code_cs                  ? 
_pdbx_database_status.methods_development_category    ? 
_pdbx_database_status.pdb_format_compatible           Y 
_pdbx_database_status.status_code_nmr_data            ? 
# 
loop_
_audit_author.name 
_audit_author.pdbx_ordinal 
_audit_author.identifier_ORCID 
'Wang, C.K.'    1 ? 
'King, G.J.'    2 ? 
'Ramalho, S.D.' 3 ? 
# 
_citation.abstract                  ? 
_citation.abstract_id_CAS           ? 
_citation.book_id_ISBN              ? 
_citation.book_publisher            ? 
_citation.book_publisher_city       ? 
_citation.book_title                ? 
_citation.coordinate_linkage        ? 
_citation.country                   US 
_citation.database_id_Medline       ? 
_citation.details                   ? 
_citation.id                        primary 
_citation.journal_abbrev            'J. Nat. Prod.' 
_citation.journal_id_ASTM           ? 
_citation.journal_id_CSD            ? 
_citation.journal_id_ISSN           1520-6025 
_citation.journal_full              ? 
_citation.journal_issue             ? 
_citation.journal_volume            81 
_citation.language                  ? 
_citation.page_first                2436 
_citation.page_last                 2445 
_citation.title                     
'Synthesis, Racemic X-ray Crystallographic, and Permeability Studies of Bioactive Orbitides from Jatropha Species.' 
_citation.year                      2018 
_citation.database_id_CSD           ? 
_citation.pdbx_database_id_DOI      10.1021/acs.jnatprod.8b00447 
_citation.pdbx_database_id_PubMed   30345754 
_citation.unpublished_flag          ? 
# 
loop_
_citation_author.citation_id 
_citation_author.name 
_citation_author.ordinal 
_citation_author.identifier_ORCID 
primary 'Ramalho, S.D.' 1 0000-0001-5314-4487 
primary 'Wang, C.K.'    2 0000-0002-7973-7632 
primary 'King, G.J.'    3 ?                   
primary 'Byriel, K.A.'  4 ?                   
primary 'Huang, Y.H.'   5 0000-0001-6937-2660 
primary 'Bolzani, V.S.' 6 0000-0001-7019-5825 
primary 'Craik, D.J.'   7 0000-0003-0007-6796 
# 
loop_
_entity.id 
_entity.type 
_entity.src_method 
_entity.pdbx_description 
_entity.formula_weight 
_entity.pdbx_number_of_molecules 
_entity.pdbx_ec 
_entity.pdbx_mutation 
_entity.pdbx_fragment 
_entity.details 
1 polymer syn ribifolin 784.986 1 ? ? ? ? 
2 water   nat water     18.015  2 ? ? ? ? 
# 
_entity_poly.entity_id                      1 
_entity_poly.type                           'polypeptide(L)' 
_entity_poly.nstd_linkage                   no 
_entity_poly.nstd_monomer                   no 
_entity_poly.pdbx_seq_one_letter_code       SIILGILG 
_entity_poly.pdbx_seq_one_letter_code_can   SIILGILG 
_entity_poly.pdbx_strand_id                 A 
_entity_poly.pdbx_target_identifier         ? 
# 
_pdbx_entity_nonpoly.entity_id   2 
_pdbx_entity_nonpoly.name        water 
_pdbx_entity_nonpoly.comp_id     HOH 
# 
loop_
_entity_poly_seq.entity_id 
_entity_poly_seq.num 
_entity_poly_seq.mon_id 
_entity_poly_seq.hetero 
1 1 SER n 
1 2 ILE n 
1 3 ILE n 
1 4 LEU n 
1 5 GLY n 
1 6 ILE n 
1 7 LEU n 
1 8 GLY n 
# 
_pdbx_entity_src_syn.entity_id              1 
_pdbx_entity_src_syn.pdbx_src_id            1 
_pdbx_entity_src_syn.pdbx_alt_source_flag   sample 
_pdbx_entity_src_syn.pdbx_beg_seq_num       1 
_pdbx_entity_src_syn.pdbx_end_seq_num       8 
_pdbx_entity_src_syn.organism_scientific    'Jatropha ribifolia' 
_pdbx_entity_src_syn.organism_common_name   ? 
_pdbx_entity_src_syn.ncbi_taxonomy_id       3995 
_pdbx_entity_src_syn.details                ? 
# 
loop_
_chem_comp.id 
_chem_comp.type 
_chem_comp.mon_nstd_flag 
_chem_comp.name 
_chem_comp.pdbx_synonyms 
_chem_comp.formula 
_chem_comp.formula_weight 
GLY 'peptide linking'   y GLYCINE    ? 'C2 H5 N O2'  75.067  
HOH non-polymer         . WATER      ? 'H2 O'        18.015  
ILE 'L-peptide linking' y ISOLEUCINE ? 'C6 H13 N O2' 131.173 
LEU 'L-peptide linking' y LEUCINE    ? 'C6 H13 N O2' 131.173 
SER 'L-peptide linking' y SERINE     ? 'C3 H7 N O3'  105.093 
# 
loop_
_pdbx_poly_seq_scheme.asym_id 
_pdbx_poly_seq_scheme.entity_id 
_pdbx_poly_seq_scheme.seq_id 
_pdbx_poly_seq_scheme.mon_id 
_pdbx_poly_seq_scheme.ndb_seq_num 
_pdbx_poly_seq_scheme.pdb_seq_num 
_pdbx_poly_seq_scheme.auth_seq_num 
_pdbx_poly_seq_scheme.pdb_mon_id 
_pdbx_poly_seq_scheme.auth_mon_id 
_pdbx_poly_seq_scheme.pdb_strand_id 
_pdbx_poly_seq_scheme.pdb_ins_code 
_pdbx_poly_seq_scheme.hetero 
A 1 1 SER 1 1 1 SER SER A . n 
A 1 2 ILE 2 2 2 ILE ILE A . n 
A 1 3 ILE 3 3 3 ILE ILE A . n 
A 1 4 LEU 4 4 4 LEU LEU A . n 
A 1 5 GLY 5 5 5 GLY GLY A . n 
A 1 6 ILE 6 6 6 ILE ILE A . n 
A 1 7 LEU 7 7 7 LEU LEU A . n 
A 1 8 GLY 8 8 8 GLY GLY A . n 
# 
loop_
_pdbx_nonpoly_scheme.asym_id 
_pdbx_nonpoly_scheme.entity_id 
_pdbx_nonpoly_scheme.mon_id 
_pdbx_nonpoly_scheme.ndb_seq_num 
_pdbx_nonpoly_scheme.pdb_seq_num 
_pdbx_nonpoly_scheme.auth_seq_num 
_pdbx_nonpoly_scheme.pdb_mon_id 
_pdbx_nonpoly_scheme.auth_mon_id 
_pdbx_nonpoly_scheme.pdb_strand_id 
_pdbx_nonpoly_scheme.pdb_ins_code 
B 2 HOH 1 101 1 HOH HOH A . 
B 2 HOH 2 102 2 HOH HOH A . 
# 
loop_
_software.citation_id 
_software.classification 
_software.compiler_name 
_software.compiler_version 
_software.contact_author 
_software.contact_author_email 
_software.date 
_software.description 
_software.dependencies 
_software.hardware 
_software.language 
_software.location 
_software.mods 
_software.name 
_software.os 
_software.os_version 
_software.type 
_software.version 
_software.pdbx_ordinal 
? refinement       ? ? ? ? ? ? ? ? ? ? ? PHENIX  ? ? ? '(1.10_2142: ???)' 1 
? 'data reduction' ? ? ? ? ? ? ? ? ? ? ? XDS     ? ? ? .                  2 
? 'data scaling'   ? ? ? ? ? ? ? ? ? ? ? Aimless ? ? ? .                  3 
? phasing          ? ? ? ? ? ? ? ? ? ? ? PHASER  ? ? ? .                  4 
# 
_cell.angle_alpha                  90.00 
_cell.angle_alpha_esd              ? 
_cell.angle_beta                   91.70 
_cell.angle_beta_esd               ? 
_cell.angle_gamma                  90.00 
_cell.angle_gamma_esd              ? 
_cell.entry_id                     6DKZ 
_cell.details                      ? 
_cell.formula_units_Z              ? 
_cell.length_a                     14.061 
_cell.length_a_esd                 ? 
_cell.length_b                     19.862 
_cell.length_b_esd                 ? 
_cell.length_c                     18.632 
_cell.length_c_esd                 ? 
_cell.volume                       ? 
_cell.volume_esd                   ? 
_cell.Z_PDB                        4 
_cell.reciprocal_angle_alpha       ? 
_cell.reciprocal_angle_beta        ? 
_cell.reciprocal_angle_gamma       ? 
_cell.reciprocal_angle_alpha_esd   ? 
_cell.reciprocal_angle_beta_esd    ? 
_cell.reciprocal_angle_gamma_esd   ? 
_cell.reciprocal_length_a          ? 
_cell.reciprocal_length_b          ? 
_cell.reciprocal_length_c          ? 
_cell.reciprocal_length_a_esd      ? 
_cell.reciprocal_length_b_esd      ? 
_cell.reciprocal_length_c_esd      ? 
_cell.pdbx_unique_axis             ? 
# 
_symmetry.entry_id                         6DKZ 
_symmetry.cell_setting                     ? 
_symmetry.Int_Tables_number                14 
_symmetry.space_group_name_Hall            ? 
_symmetry.space_group_name_H-M             'P 1 21/n 1' 
_symmetry.pdbx_full_space_group_name_H-M   ? 
# 
_exptl.absorpt_coefficient_mu     ? 
_exptl.absorpt_correction_T_max   ? 
_exptl.absorpt_correction_T_min   ? 
_exptl.absorpt_correction_type    ? 
_exptl.absorpt_process_details    ? 
_exptl.entry_id                   6DKZ 
_exptl.crystals_number            1 
_exptl.details                    ? 
_exptl.method                     'X-RAY DIFFRACTION' 
_exptl.method_details             ? 
# 
_exptl_crystal.colour                      ? 
_exptl_crystal.density_diffrn              ? 
_exptl_crystal.density_Matthews            1.78 
_exptl_crystal.density_method              ? 
_exptl_crystal.density_percent_sol         30.86 
_exptl_crystal.description                 ? 
_exptl_crystal.F_000                       ? 
_exptl_crystal.id                          1 
_exptl_crystal.preparation                 ? 
_exptl_crystal.size_max                    ? 
_exptl_crystal.size_mid                    ? 
_exptl_crystal.size_min                    ? 
_exptl_crystal.size_rad                    ? 
_exptl_crystal.colour_lustre               ? 
_exptl_crystal.colour_modifier             ? 
_exptl_crystal.colour_primary              ? 
_exptl_crystal.density_meas                ? 
_exptl_crystal.density_meas_esd            ? 
_exptl_crystal.density_meas_gt             ? 
_exptl_crystal.density_meas_lt             ? 
_exptl_crystal.density_meas_temp           ? 
_exptl_crystal.density_meas_temp_esd       ? 
_exptl_crystal.density_meas_temp_gt        ? 
_exptl_crystal.density_meas_temp_lt        ? 
_exptl_crystal.pdbx_crystal_image_url      ? 
_exptl_crystal.pdbx_crystal_image_format   ? 
_exptl_crystal.pdbx_mosaicity              ? 
_exptl_crystal.pdbx_mosaicity_esd          ? 
# 
_exptl_crystal_grow.apparatus       ? 
_exptl_crystal_grow.atmosphere      ? 
_exptl_crystal_grow.crystal_id      1 
_exptl_crystal_grow.details         ? 
_exptl_crystal_grow.method          'VAPOR DIFFUSION, HANGING DROP' 
_exptl_crystal_grow.method_ref      ? 
_exptl_crystal_grow.pH              ? 
_exptl_crystal_grow.pressure        ? 
_exptl_crystal_grow.pressure_esd    ? 
_exptl_crystal_grow.seeding         ? 
_exptl_crystal_grow.seeding_ref     ? 
_exptl_crystal_grow.temp            293 
_exptl_crystal_grow.temp_details    ? 
_exptl_crystal_grow.temp_esd        ? 
_exptl_crystal_grow.time            ? 
_exptl_crystal_grow.pdbx_details    'in 0.1 M Tris base (pH 8.0) and 40% 2-methyl-2,4-pentanediol' 
_exptl_crystal_grow.pdbx_pH_range   ? 
# 
_diffrn.ambient_environment              ? 
_diffrn.ambient_temp                     100 
_diffrn.ambient_temp_details             ? 
_diffrn.ambient_temp_esd                 ? 
_diffrn.crystal_id                       1 
_diffrn.crystal_support                  ? 
_diffrn.crystal_treatment                ? 
_diffrn.details                          ? 
_diffrn.id                               1 
_diffrn.ambient_pressure                 ? 
_diffrn.ambient_pressure_esd             ? 
_diffrn.ambient_pressure_gt              ? 
_diffrn.ambient_pressure_lt              ? 
_diffrn.ambient_temp_gt                  ? 
_diffrn.ambient_temp_lt                  ? 
_diffrn.pdbx_serial_crystal_experiment   ? 
# 
_diffrn_detector.details                      ? 
_diffrn_detector.detector                     CCD 
_diffrn_detector.diffrn_id                    1 
_diffrn_detector.type                         'ADSC QUANTUM 315r' 
_diffrn_detector.area_resol_mean              ? 
_diffrn_detector.dtime                        ? 
_diffrn_detector.pdbx_frames_total            ? 
_diffrn_detector.pdbx_collection_time_total   ? 
_diffrn_detector.pdbx_collection_date         2017-09-29 
_diffrn_detector.pdbx_frequency               ? 
# 
_diffrn_radiation.collimation                      ? 
_diffrn_radiation.diffrn_id                        1 
_diffrn_radiation.filter_edge                      ? 
_diffrn_radiation.inhomogeneity                    ? 
_diffrn_radiation.monochromator                    ? 
_diffrn_radiation.polarisn_norm                    ? 
_diffrn_radiation.polarisn_ratio                   ? 
_diffrn_radiation.probe                            ? 
_diffrn_radiation.type                             ? 
_diffrn_radiation.xray_symbol                      ? 
_diffrn_radiation.wavelength_id                    1 
_diffrn_radiation.pdbx_monochromatic_or_laue_m_l   M 
_diffrn_radiation.pdbx_wavelength_list             ? 
_diffrn_radiation.pdbx_wavelength                  ? 
_diffrn_radiation.pdbx_diffrn_protocol             'SINGLE WAVELENGTH' 
_diffrn_radiation.pdbx_analyzer                    ? 
_diffrn_radiation.pdbx_scattering_type             x-ray 
# 
_diffrn_radiation_wavelength.id           1 
_diffrn_radiation_wavelength.wavelength   0.9537 
_diffrn_radiation_wavelength.wt           1.0 
# 
_diffrn_source.current                     ? 
_diffrn_source.details                     ? 
_diffrn_source.diffrn_id                   1 
_diffrn_source.power                       ? 
_diffrn_source.size                        ? 
_diffrn_source.source                      SYNCHROTRON 
_diffrn_source.target                      ? 
_diffrn_source.type                        'AUSTRALIAN SYNCHROTRON BEAMLINE MX2' 
_diffrn_source.voltage                     ? 
_diffrn_source.take-off_angle              ? 
_diffrn_source.pdbx_wavelength_list        0.9537 
_diffrn_source.pdbx_wavelength             ? 
_diffrn_source.pdbx_synchrotron_beamline   MX2 
_diffrn_source.pdbx_synchrotron_site       'Australian Synchrotron' 
# 
_reflns.B_iso_Wilson_estimate            ? 
_reflns.entry_id                         6DKZ 
_reflns.data_reduction_details           ? 
_reflns.data_reduction_method            ? 
_reflns.d_resolution_high                0.99 
_reflns.d_resolution_low                 19.86 
_reflns.details                          ? 
_reflns.limit_h_max                      ? 
_reflns.limit_h_min                      ? 
_reflns.limit_k_max                      ? 
_reflns.limit_k_min                      ? 
_reflns.limit_l_max                      ? 
_reflns.limit_l_min                      ? 
_reflns.number_all                       ? 
_reflns.number_obs                       5474 
_reflns.observed_criterion               ? 
_reflns.observed_criterion_F_max         ? 
_reflns.observed_criterion_F_min         ? 
_reflns.observed_criterion_I_max         ? 
_reflns.observed_criterion_I_min         ? 
_reflns.observed_criterion_sigma_F       ? 
_reflns.observed_criterion_sigma_I       ? 
_reflns.percent_possible_obs             94.4 
_reflns.R_free_details                   ? 
_reflns.Rmerge_F_all                     ? 
_reflns.Rmerge_F_obs                     ? 
_reflns.Friedel_coverage                 ? 
_reflns.number_gt                        ? 
_reflns.threshold_expression             ? 
_reflns.pdbx_redundancy                  6.5 
_reflns.pdbx_Rmerge_I_obs                ? 
_reflns.pdbx_Rmerge_I_all                ? 
_reflns.pdbx_Rsym_value                  ? 
_reflns.pdbx_netI_over_av_sigmaI         ? 
_reflns.pdbx_netI_over_sigmaI            31.3 
_reflns.pdbx_res_netI_over_av_sigmaI_2   ? 
_reflns.pdbx_res_netI_over_sigmaI_2      ? 
_reflns.pdbx_chi_squared                 ? 
_reflns.pdbx_scaling_rejects             ? 
_reflns.pdbx_d_res_high_opt              ? 
_reflns.pdbx_d_res_low_opt               ? 
_reflns.pdbx_d_res_opt_method            ? 
_reflns.phase_calculation_details        ? 
_reflns.pdbx_Rrim_I_all                  ? 
_reflns.pdbx_Rpim_I_all                  ? 
_reflns.pdbx_d_opt                       ? 
_reflns.pdbx_number_measured_all         ? 
_reflns.pdbx_diffrn_id                   1 
_reflns.pdbx_ordinal                     1 
_reflns.pdbx_CC_half                     ? 
_reflns.pdbx_R_split                     ? 
# 
_reflns_shell.d_res_high                  0.99 
_reflns_shell.d_res_low                   1.01 
_reflns_shell.meanI_over_sigI_all         ? 
_reflns_shell.meanI_over_sigI_obs         ? 
_reflns_shell.number_measured_all         ? 
_reflns_shell.number_measured_obs         ? 
_reflns_shell.number_possible             ? 
_reflns_shell.number_unique_all           ? 
_reflns_shell.number_unique_obs           ? 
_reflns_shell.percent_possible_all        ? 
_reflns_shell.percent_possible_obs        ? 
_reflns_shell.Rmerge_F_all                ? 
_reflns_shell.Rmerge_F_obs                ? 
_reflns_shell.Rmerge_I_all                ? 
_reflns_shell.Rmerge_I_obs                ? 
_reflns_shell.meanI_over_sigI_gt          ? 
_reflns_shell.meanI_over_uI_all           ? 
_reflns_shell.meanI_over_uI_gt            ? 
_reflns_shell.number_measured_gt          ? 
_reflns_shell.number_unique_gt            ? 
_reflns_shell.percent_possible_gt         ? 
_reflns_shell.Rmerge_F_gt                 ? 
_reflns_shell.Rmerge_I_gt                 ? 
_reflns_shell.pdbx_redundancy             ? 
_reflns_shell.pdbx_Rsym_value             ? 
_reflns_shell.pdbx_chi_squared            ? 
_reflns_shell.pdbx_netI_over_sigmaI_all   ? 
_reflns_shell.pdbx_netI_over_sigmaI_obs   ? 
_reflns_shell.pdbx_Rrim_I_all             ? 
_reflns_shell.pdbx_Rpim_I_all             ? 
_reflns_shell.pdbx_rejects                ? 
_reflns_shell.pdbx_ordinal                1 
_reflns_shell.pdbx_diffrn_id              1 
_reflns_shell.pdbx_CC_half                ? 
_reflns_shell.pdbx_R_split                ? 
# 
_refine.aniso_B[1][1]                            ? 
_refine.aniso_B[1][2]                            ? 
_refine.aniso_B[1][3]                            ? 
_refine.aniso_B[2][2]                            ? 
_refine.aniso_B[2][3]                            ? 
_refine.aniso_B[3][3]                            ? 
_refine.B_iso_max                                ? 
_refine.B_iso_mean                               ? 
_refine.B_iso_min                                ? 
_refine.correlation_coeff_Fo_to_Fc               ? 
_refine.correlation_coeff_Fo_to_Fc_free          ? 
_refine.details                                  ? 
_refine.diff_density_max                         ? 
_refine.diff_density_max_esd                     ? 
_refine.diff_density_min                         ? 
_refine.diff_density_min_esd                     ? 
_refine.diff_density_rms                         ? 
_refine.diff_density_rms_esd                     ? 
_refine.entry_id                                 6DKZ 
_refine.pdbx_refine_id                           'X-RAY DIFFRACTION' 
_refine.ls_abs_structure_details                 ? 
_refine.ls_abs_structure_Flack                   ? 
_refine.ls_abs_structure_Flack_esd               ? 
_refine.ls_abs_structure_Rogers                  ? 
_refine.ls_abs_structure_Rogers_esd              ? 
_refine.ls_d_res_high                            0.990 
_refine.ls_d_res_low                             11.473 
_refine.ls_extinction_coef                       ? 
_refine.ls_extinction_coef_esd                   ? 
_refine.ls_extinction_expression                 ? 
_refine.ls_extinction_method                     ? 
_refine.ls_goodness_of_fit_all                   ? 
_refine.ls_goodness_of_fit_all_esd               ? 
_refine.ls_goodness_of_fit_obs                   ? 
_refine.ls_goodness_of_fit_obs_esd               ? 
_refine.ls_hydrogen_treatment                    ? 
_refine.ls_matrix_type                           ? 
_refine.ls_number_constraints                    ? 
_refine.ls_number_parameters                     ? 
_refine.ls_number_reflns_all                     ? 
_refine.ls_number_reflns_obs                     5291 
_refine.ls_number_reflns_R_free                  519 
_refine.ls_number_reflns_R_work                  ? 
_refine.ls_number_restraints                     ? 
_refine.ls_percent_reflns_obs                    94.23 
_refine.ls_percent_reflns_R_free                 9.81 
_refine.ls_R_factor_all                          ? 
_refine.ls_R_factor_obs                          0.1727 
_refine.ls_R_factor_R_free                       0.1739 
_refine.ls_R_factor_R_free_error                 ? 
_refine.ls_R_factor_R_free_error_details         ? 
_refine.ls_R_factor_R_work                       0.1725 
_refine.ls_R_Fsqd_factor_obs                     ? 
_refine.ls_R_I_factor_obs                        ? 
_refine.ls_redundancy_reflns_all                 ? 
_refine.ls_redundancy_reflns_obs                 ? 
_refine.ls_restrained_S_all                      ? 
_refine.ls_restrained_S_obs                      ? 
_refine.ls_shift_over_esd_max                    ? 
_refine.ls_shift_over_esd_mean                   ? 
_refine.ls_structure_factor_coef                 ? 
_refine.ls_weighting_details                     ? 
_refine.ls_weighting_scheme                      ? 
_refine.ls_wR_factor_all                         ? 
_refine.ls_wR_factor_obs                         ? 
_refine.ls_wR_factor_R_free                      ? 
_refine.ls_wR_factor_R_work                      ? 
_refine.occupancy_max                            ? 
_refine.occupancy_min                            ? 
_refine.solvent_model_details                    'FLAT BULK SOLVENT MODEL' 
_refine.solvent_model_param_bsol                 ? 
_refine.solvent_model_param_ksol                 ? 
_refine.ls_R_factor_gt                           ? 
_refine.ls_goodness_of_fit_gt                    ? 
_refine.ls_goodness_of_fit_ref                   ? 
_refine.ls_shift_over_su_max                     ? 
_refine.ls_shift_over_su_max_lt                  ? 
_refine.ls_shift_over_su_mean                    ? 
_refine.ls_shift_over_su_mean_lt                 ? 
_refine.pdbx_ls_sigma_I                          ? 
_refine.pdbx_ls_sigma_F                          1.42 
_refine.pdbx_ls_sigma_Fsqd                       ? 
_refine.pdbx_data_cutoff_high_absF               ? 
_refine.pdbx_data_cutoff_high_rms_absF           ? 
_refine.pdbx_data_cutoff_low_absF                ? 
_refine.pdbx_isotropic_thermal_model             ? 
_refine.pdbx_ls_cross_valid_method               'FREE R-VALUE' 
_refine.pdbx_method_to_determine_struct          ? 
_refine.pdbx_starting_model                      ? 
_refine.pdbx_stereochemistry_target_values       ML 
_refine.pdbx_R_Free_selection_details            ? 
_refine.pdbx_stereochem_target_val_spec_case     ? 
_refine.pdbx_overall_ESU_R                       ? 
_refine.pdbx_overall_ESU_R_Free                  ? 
_refine.pdbx_solvent_vdw_probe_radii             1.11 
_refine.pdbx_solvent_ion_probe_radii             ? 
_refine.pdbx_solvent_shrinkage_radii             0.90 
_refine.pdbx_real_space_R                        ? 
_refine.pdbx_density_correlation                 ? 
_refine.pdbx_pd_number_of_powder_patterns        ? 
_refine.pdbx_pd_number_of_points                 ? 
_refine.pdbx_pd_meas_number_of_points            ? 
_refine.pdbx_pd_proc_ls_prof_R_factor            ? 
_refine.pdbx_pd_proc_ls_prof_wR_factor           ? 
_refine.pdbx_pd_Marquardt_correlation_coeff      ? 
_refine.pdbx_pd_Fsqrd_R_factor                   ? 
_refine.pdbx_pd_ls_matrix_band_width             ? 
_refine.pdbx_overall_phase_error                 13.10 
_refine.pdbx_overall_SU_R_free_Cruickshank_DPI   ? 
_refine.pdbx_overall_SU_R_free_Blow_DPI          ? 
_refine.pdbx_overall_SU_R_Blow_DPI               ? 
_refine.pdbx_TLS_residual_ADP_flag               ? 
_refine.pdbx_diffrn_id                           1 
_refine.overall_SU_B                             ? 
_refine.overall_SU_ML                            0.04 
_refine.overall_SU_R_Cruickshank_DPI             ? 
_refine.overall_SU_R_free                        ? 
_refine.overall_FOM_free_R_set                   ? 
_refine.overall_FOM_work_R_set                   ? 
_refine.pdbx_average_fsc_overall                 ? 
_refine.pdbx_average_fsc_work                    ? 
_refine.pdbx_average_fsc_free                    ? 
# 
_refine_hist.pdbx_refine_id                   'X-RAY DIFFRACTION' 
_refine_hist.cycle_id                         LAST 
_refine_hist.pdbx_number_atoms_protein        54 
_refine_hist.pdbx_number_atoms_nucleic_acid   0 
_refine_hist.pdbx_number_atoms_ligand         0 
_refine_hist.number_atoms_solvent             2 
_refine_hist.number_atoms_total               56 
_refine_hist.d_res_high                       0.990 
_refine_hist.d_res_low                        11.473 
# 
loop_
_refine_ls_restr.pdbx_refine_id 
_refine_ls_restr.criterion 
_refine_ls_restr.dev_ideal 
_refine_ls_restr.dev_ideal_target 
_refine_ls_restr.number 
_refine_ls_restr.rejects 
_refine_ls_restr.type 
_refine_ls_restr.weight 
_refine_ls_restr.pdbx_restraint_function 
'X-RAY DIFFRACTION' ? 0.008  ? 53 ? f_bond_d           ? ? 
'X-RAY DIFFRACTION' ? 1.046  ? 70 ? f_angle_d          ? ? 
'X-RAY DIFFRACTION' ? 10.290 ? 18 ? f_dihedral_angle_d ? ? 
'X-RAY DIFFRACTION' ? 0.089  ? 11 ? f_chiral_restr     ? ? 
'X-RAY DIFFRACTION' ? 0.005  ? 7  ? f_plane_restr      ? ? 
# 
loop_
_refine_ls_shell.pdbx_refine_id 
_refine_ls_shell.d_res_high 
_refine_ls_shell.d_res_low 
_refine_ls_shell.number_reflns_all 
_refine_ls_shell.number_reflns_obs 
_refine_ls_shell.number_reflns_R_free 
_refine_ls_shell.number_reflns_R_work 
_refine_ls_shell.percent_reflns_obs 
_refine_ls_shell.percent_reflns_R_free 
_refine_ls_shell.R_factor_all 
_refine_ls_shell.R_factor_obs 
_refine_ls_shell.R_factor_R_free 
_refine_ls_shell.R_factor_R_free_error 
_refine_ls_shell.R_factor_R_work 
_refine_ls_shell.redundancy_reflns_all 
_refine_ls_shell.redundancy_reflns_obs 
_refine_ls_shell.wR_factor_all 
_refine_ls_shell.wR_factor_obs 
_refine_ls_shell.wR_factor_R_free 
_refine_ls_shell.wR_factor_R_work 
_refine_ls_shell.pdbx_total_number_of_bins_used 
_refine_ls_shell.pdbx_phase_error 
_refine_ls_shell.pdbx_fsc_work 
_refine_ls_shell.pdbx_fsc_free 
'X-RAY DIFFRACTION' 0.9898 1.0893  . . 130 1142 90.00 . . . 0.1721 . 0.1553 . . . . . . . . . . 
'X-RAY DIFFRACTION' 1.0893 1.2467  . . 120 1186 93.00 . . . 0.1731 . 0.1427 . . . . . . . . . . 
'X-RAY DIFFRACTION' 1.2467 1.5701  . . 133 1223 97.00 . . . 0.1639 . 0.1670 . . . . . . . . . . 
'X-RAY DIFFRACTION' 1.5701 11.4737 . . 136 1221 97.00 . . . 0.1798 . 0.1956 . . . . . . . . . . 
# 
_struct.entry_id                     6DKZ 
_struct.title                        'Racemic structure of ribifolin, an orbitide from Jatropha ribifolia' 
_struct.pdbx_model_details           ? 
_struct.pdbx_formula_weight          ? 
_struct.pdbx_formula_weight_method   ? 
_struct.pdbx_model_type_details      ? 
_struct.pdbx_CASP_flag               N 
# 
_struct_keywords.entry_id        6DKZ 
_struct_keywords.text            'cyclic peptide, PLANT PROTEIN' 
_struct_keywords.pdbx_keywords   'PLANT PROTEIN' 
# 
loop_
_struct_asym.id 
_struct_asym.pdbx_blank_PDB_chainid_flag 
_struct_asym.pdbx_modified 
_struct_asym.entity_id 
_struct_asym.details 
A N N 1 ? 
B N N 2 ? 
# 
_struct_ref.id                         1 
_struct_ref.db_name                    PDB 
_struct_ref.db_code                    6DKZ 
_struct_ref.pdbx_db_accession          6DKZ 
_struct_ref.pdbx_db_isoform            ? 
_struct_ref.entity_id                  1 
_struct_ref.pdbx_seq_one_letter_code   ? 
_struct_ref.pdbx_align_begin           1 
# 
_struct_ref_seq.align_id                      1 
_struct_ref_seq.ref_id                        1 
_struct_ref_seq.pdbx_PDB_id_code              6DKZ 
_struct_ref_seq.pdbx_strand_id                A 
_struct_ref_seq.seq_align_beg                 1 
_struct_ref_seq.pdbx_seq_align_beg_ins_code   ? 
_struct_ref_seq.seq_align_end                 8 
_struct_ref_seq.pdbx_seq_align_end_ins_code   ? 
_struct_ref_seq.pdbx_db_accession             6DKZ 
_struct_ref_seq.db_align_beg                  1 
_struct_ref_seq.pdbx_db_align_beg_ins_code    ? 
_struct_ref_seq.db_align_end                  8 
_struct_ref_seq.pdbx_db_align_end_ins_code    ? 
_struct_ref_seq.pdbx_auth_seq_align_beg       1 
_struct_ref_seq.pdbx_auth_seq_align_end       8 
# 
_pdbx_struct_assembly.id                   1 
_pdbx_struct_assembly.details              author_defined_assembly 
_pdbx_struct_assembly.method_details       ? 
_pdbx_struct_assembly.oligomeric_details   monomeric 
_pdbx_struct_assembly.oligomeric_count     1 
# 
loop_
_pdbx_struct_assembly_prop.biol_id 
_pdbx_struct_assembly_prop.type 
_pdbx_struct_assembly_prop.value 
_pdbx_struct_assembly_prop.details 
1 'ABSA (A^2)' 0   ? 
1 MORE         0   ? 
1 'SSA (A^2)'  940 ? 
# 
_pdbx_struct_assembly_gen.assembly_id       1 
_pdbx_struct_assembly_gen.oper_expression   1 
_pdbx_struct_assembly_gen.asym_id_list      A,B 
# 
_pdbx_struct_oper_list.id                   1 
_pdbx_struct_oper_list.type                 'identity operation' 
_pdbx_struct_oper_list.name                 1_555 
_pdbx_struct_oper_list.symmetry_operation   x,y,z 
_pdbx_struct_oper_list.matrix[1][1]         1.0000000000 
_pdbx_struct_oper_list.matrix[1][2]         0.0000000000 
_pdbx_struct_oper_list.matrix[1][3]         0.0000000000 
_pdbx_struct_oper_list.vector[1]            0.0000000000 
_pdbx_struct_oper_list.matrix[2][1]         0.0000000000 
_pdbx_struct_oper_list.matrix[2][2]         1.0000000000 
_pdbx_struct_oper_list.matrix[2][3]         0.0000000000 
_pdbx_struct_oper_list.vector[2]            0.0000000000 
_pdbx_struct_oper_list.matrix[3][1]         0.0000000000 
_pdbx_struct_oper_list.matrix[3][2]         0.0000000000 
_pdbx_struct_oper_list.matrix[3][3]         1.0000000000 
_pdbx_struct_oper_list.vector[3]            0.0000000000 
# 
_struct_conn.id                            covale1 
_struct_conn.conn_type_id                  covale 
_struct_conn.pdbx_leaving_atom_flag        both 
_struct_conn.pdbx_PDB_id                   ? 
_struct_conn.ptnr1_label_asym_id           A 
_struct_conn.ptnr1_label_comp_id           SER 
_struct_conn.ptnr1_label_seq_id            1 
_struct_conn.ptnr1_label_atom_id           N 
_struct_conn.pdbx_ptnr1_label_alt_id       ? 
_struct_conn.pdbx_ptnr1_PDB_ins_code       ? 
_struct_conn.pdbx_ptnr1_standard_comp_id   ? 
_struct_conn.ptnr1_symmetry                1_555 
_struct_conn.ptnr2_label_asym_id           A 
_struct_conn.ptnr2_label_comp_id           GLY 
_struct_conn.ptnr2_label_seq_id            8 
_struct_conn.ptnr2_label_atom_id           C 
_struct_conn.pdbx_ptnr2_label_alt_id       ? 
_struct_conn.pdbx_ptnr2_PDB_ins_code       ? 
_struct_conn.ptnr1_auth_asym_id            A 
_struct_conn.ptnr1_auth_comp_id            SER 
_struct_conn.ptnr1_auth_seq_id             1 
_struct_conn.ptnr2_auth_asym_id            A 
_struct_conn.ptnr2_auth_comp_id            GLY 
_struct_conn.ptnr2_auth_seq_id             8 
_struct_conn.ptnr2_symmetry                1_555 
_struct_conn.pdbx_ptnr3_label_atom_id      ? 
_struct_conn.pdbx_ptnr3_label_seq_id       ? 
_struct_conn.pdbx_ptnr3_label_comp_id      ? 
_struct_conn.pdbx_ptnr3_label_asym_id      ? 
_struct_conn.pdbx_ptnr3_label_alt_id       ? 
_struct_conn.pdbx_ptnr3_PDB_ins_code       ? 
_struct_conn.details                       ? 
_struct_conn.pdbx_dist_value               1.332 
_struct_conn.pdbx_value_order              sing 
_struct_conn.pdbx_role                     ? 
# 
_struct_conn_type.id          covale 
_struct_conn_type.criteria    ? 
_struct_conn_type.reference   ? 
# 
_pdbx_modification_feature.ordinal                            1 
_pdbx_modification_feature.label_comp_id                      SER 
_pdbx_modification_feature.label_asym_id                      A 
_pdbx_modification_feature.label_seq_id                       1 
_pdbx_modification_feature.label_alt_id                       ? 
_pdbx_modification_feature.modified_residue_label_comp_id     GLY 
_pdbx_modification_feature.modified_residue_label_asym_id     A 
_pdbx_modification_feature.modified_residue_label_seq_id      8 
_pdbx_modification_feature.modified_residue_label_alt_id      ? 
_pdbx_modification_feature.auth_comp_id                       SER 
_pdbx_modification_feature.auth_asym_id                       A 
_pdbx_modification_feature.auth_seq_id                        1 
_pdbx_modification_feature.PDB_ins_code                       ? 
_pdbx_modification_feature.symmetry                           1_555 
_pdbx_modification_feature.modified_residue_auth_comp_id      GLY 
_pdbx_modification_feature.modified_residue_auth_asym_id      A 
_pdbx_modification_feature.modified_residue_auth_seq_id       8 
_pdbx_modification_feature.modified_residue_PDB_ins_code      ? 
_pdbx_modification_feature.modified_residue_symmetry          1_555 
_pdbx_modification_feature.comp_id_linking_atom               N 
_pdbx_modification_feature.modified_residue_id_linking_atom   C 
_pdbx_modification_feature.modified_residue_id                . 
_pdbx_modification_feature.ref_pcm_id                         . 
_pdbx_modification_feature.ref_comp_id                        . 
_pdbx_modification_feature.type                               None 
_pdbx_modification_feature.category                           'Non-standard linkage' 
# 
_pdbx_entry_details.entry_id                   6DKZ 
_pdbx_entry_details.compound_details           ? 
_pdbx_entry_details.source_details             ? 
_pdbx_entry_details.nonpolymer_details         ? 
_pdbx_entry_details.sequence_details           ? 
_pdbx_entry_details.has_ligand_of_interest     ? 
_pdbx_entry_details.has_protein_modification   Y 
# 
loop_
_chem_comp_atom.comp_id 
_chem_comp_atom.atom_id 
_chem_comp_atom.type_symbol 
_chem_comp_atom.pdbx_aromatic_flag 
_chem_comp_atom.pdbx_stereo_config 
_chem_comp_atom.pdbx_ordinal 
GLY N    N N N 1  
GLY CA   C N N 2  
GLY C    C N N 3  
GLY O    O N N 4  
GLY OXT  O N N 5  
GLY H    H N N 6  
GLY H2   H N N 7  
GLY HA2  H N N 8  
GLY HA3  H N N 9  
GLY HXT  H N N 10 
HOH O    O N N 11 
HOH H1   H N N 12 
HOH H2   H N N 13 
ILE N    N N N 14 
ILE CA   C N S 15 
ILE C    C N N 16 
ILE O    O N N 17 
ILE CB   C N S 18 
ILE CG1  C N N 19 
ILE CG2  C N N 20 
ILE CD1  C N N 21 
ILE OXT  O N N 22 
ILE H    H N N 23 
ILE H2   H N N 24 
ILE HA   H N N 25 
ILE HB   H N N 26 
ILE HG12 H N N 27 
ILE HG13 H N N 28 
ILE HG21 H N N 29 
ILE HG22 H N N 30 
ILE HG23 H N N 31 
ILE HD11 H N N 32 
ILE HD12 H N N 33 
ILE HD13 H N N 34 
ILE HXT  H N N 35 
LEU N    N N N 36 
LEU CA   C N S 37 
LEU C    C N N 38 
LEU O    O N N 39 
LEU CB   C N N 40 
LEU CG   C N N 41 
LEU CD1  C N N 42 
LEU CD2  C N N 43 
LEU OXT  O N N 44 
LEU H    H N N 45 
LEU H2   H N N 46 
LEU HA   H N N 47 
LEU HB2  H N N 48 
LEU HB3  H N N 49 
LEU HG   H N N 50 
LEU HD11 H N N 51 
LEU HD12 H N N 52 
LEU HD13 H N N 53 
LEU HD21 H N N 54 
LEU HD22 H N N 55 
LEU HD23 H N N 56 
LEU HXT  H N N 57 
SER N    N N N 58 
SER CA   C N S 59 
SER C    C N N 60 
SER O    O N N 61 
SER CB   C N N 62 
SER OG   O N N 63 
SER OXT  O N N 64 
SER H    H N N 65 
SER H2   H N N 66 
SER HA   H N N 67 
SER HB2  H N N 68 
SER HB3  H N N 69 
SER HG   H N N 70 
SER HXT  H N N 71 
# 
loop_
_chem_comp_bond.comp_id 
_chem_comp_bond.atom_id_1 
_chem_comp_bond.atom_id_2 
_chem_comp_bond.value_order 
_chem_comp_bond.pdbx_aromatic_flag 
_chem_comp_bond.pdbx_stereo_config 
_chem_comp_bond.pdbx_ordinal 
GLY N   CA   sing N N 1  
GLY N   H    sing N N 2  
GLY N   H2   sing N N 3  
GLY CA  C    sing N N 4  
GLY CA  HA2  sing N N 5  
GLY CA  HA3  sing N N 6  
GLY C   O    doub N N 7  
GLY C   OXT  sing N N 8  
GLY OXT HXT  sing N N 9  
HOH O   H1   sing N N 10 
HOH O   H2   sing N N 11 
ILE N   CA   sing N N 12 
ILE N   H    sing N N 13 
ILE N   H2   sing N N 14 
ILE CA  C    sing N N 15 
ILE CA  CB   sing N N 16 
ILE CA  HA   sing N N 17 
ILE C   O    doub N N 18 
ILE C   OXT  sing N N 19 
ILE CB  CG1  sing N N 20 
ILE CB  CG2  sing N N 21 
ILE CB  HB   sing N N 22 
ILE CG1 CD1  sing N N 23 
ILE CG1 HG12 sing N N 24 
ILE CG1 HG13 sing N N 25 
ILE CG2 HG21 sing N N 26 
ILE CG2 HG22 sing N N 27 
ILE CG2 HG23 sing N N 28 
ILE CD1 HD11 sing N N 29 
ILE CD1 HD12 sing N N 30 
ILE CD1 HD13 sing N N 31 
ILE OXT HXT  sing N N 32 
LEU N   CA   sing N N 33 
LEU N   H    sing N N 34 
LEU N   H2   sing N N 35 
LEU CA  C    sing N N 36 
LEU CA  CB   sing N N 37 
LEU CA  HA   sing N N 38 
LEU C   O    doub N N 39 
LEU C   OXT  sing N N 40 
LEU CB  CG   sing N N 41 
LEU CB  HB2  sing N N 42 
LEU CB  HB3  sing N N 43 
LEU CG  CD1  sing N N 44 
LEU CG  CD2  sing N N 45 
LEU CG  HG   sing N N 46 
LEU CD1 HD11 sing N N 47 
LEU CD1 HD12 sing N N 48 
LEU CD1 HD13 sing N N 49 
LEU CD2 HD21 sing N N 50 
LEU CD2 HD22 sing N N 51 
LEU CD2 HD23 sing N N 52 
LEU OXT HXT  sing N N 53 
SER N   CA   sing N N 54 
SER N   H    sing N N 55 
SER N   H2   sing N N 56 
SER CA  C    sing N N 57 
SER CA  CB   sing N N 58 
SER CA  HA   sing N N 59 
SER C   O    doub N N 60 
SER C   OXT  sing N N 61 
SER CB  OG   sing N N 62 
SER CB  HB2  sing N N 63 
SER CB  HB3  sing N N 64 
SER OG  HG   sing N N 65 
SER OXT HXT  sing N N 66 
# 
loop_
_pdbx_audit_support.funding_organization 
_pdbx_audit_support.country 
_pdbx_audit_support.grant_number 
_pdbx_audit_support.ordinal 
'Sao Paulo Research Foundation (FAPESP)' Brazil    '#2016/13148-4' 1 
'Australian Research Council (ARC)'      Australia FL150100146     2 
# 
_atom_sites.entry_id                    6DKZ 
_atom_sites.fract_transf_matrix[1][1]   -0.06208050 
_atom_sites.fract_transf_matrix[1][2]   0.01227079 
_atom_sites.fract_transf_matrix[1][3]   0.03252390 
_atom_sites.fract_transf_matrix[2][1]   -0.02459038 
_atom_sites.fract_transf_matrix[2][2]   -0.01666662 
_atom_sites.fract_transf_matrix[2][3]   -0.04064920 
_atom_sites.fract_transf_matrix[3][1]   -0.00074113 
_atom_sites.fract_transf_matrix[3][2]   -0.04951763 
_atom_sites.fract_transf_matrix[3][3]   0.02075111 
_atom_sites.fract_transf_vector[1]      0.266135 
_atom_sites.fract_transf_vector[2]      -0.069397 
_atom_sites.fract_transf_vector[3]      0.330479 
# 
loop_
_atom_type.symbol 
C 
H 
N 
O 
# 
loop_
_atom_site.group_PDB 
_atom_site.id 
_atom_site.type_symbol 
_atom_site.label_atom_id 
_atom_site.label_alt_id 
_atom_site.label_comp_id 
_atom_site.label_asym_id 
_atom_site.label_entity_id 
_atom_site.label_seq_id 
_atom_site.pdbx_PDB_ins_code 
_atom_site.Cartn_x 
_atom_site.Cartn_y 
_atom_site.Cartn_z 
_atom_site.occupancy 
_atom_site.B_iso_or_equiv 
_atom_site.pdbx_formal_charge 
_atom_site.auth_seq_id 
_atom_site.auth_comp_id 
_atom_site.auth_asym_id 
_atom_site.auth_atom_id 
_atom_site.pdbx_PDB_model_num 
ATOM   1   N N    . SER A 1 1 ? -1.798 -1.682 -0.755 1.00 2.09 ? 1   SER A N    1 
ATOM   2   C CA   . SER A 1 1 ? -1.247 -1.991 0.559  1.00 1.90 ? 1   SER A CA   1 
ATOM   3   C C    . SER A 1 1 ? -1.188 -0.739 1.432  1.00 1.89 ? 1   SER A C    1 
ATOM   4   O O    . SER A 1 1 ? -0.538 0.254  1.083  1.00 2.23 ? 1   SER A O    1 
ATOM   5   C CB   . SER A 1 1 ? 0.162  -2.575 0.408  1.00 2.08 ? 1   SER A CB   1 
ATOM   6   O OG   . SER A 1 1 ? 0.887  -2.521 1.621  1.00 1.97 ? 1   SER A OG   1 
ATOM   7   H H1   . SER A 1 1 ? -1.206 -1.450 -1.334 1.00 2.51 ? 1   SER A H1   1 
ATOM   8   H HA   . SER A 1 1 ? -1.808 -2.648 1.000  1.00 2.28 ? 1   SER A HA   1 
ATOM   9   H HB2  . SER A 1 1 ? 0.087  -3.502 0.129  1.00 2.49 ? 1   SER A HB2  1 
ATOM   10  H HB3  . SER A 1 1 ? 0.640  -2.068 -0.266 1.00 2.49 ? 1   SER A HB3  1 
ATOM   11  H HG   . SER A 1 1 ? 0.487  -2.959 2.215  1.00 2.37 ? 1   SER A HG   1 
ATOM   12  N N    . ILE A 1 2 ? -1.850 -0.811 2.583  1.00 1.90 ? 2   ILE A N    1 
ATOM   13  C CA   . ILE A 1 2 ? -1.816 0.260  3.560  1.00 2.08 ? 2   ILE A CA   1 
ATOM   14  C C    . ILE A 1 2 ? -0.390 0.479  4.092  1.00 2.07 ? 2   ILE A C    1 
ATOM   15  O O    . ILE A 1 2 ? 0.006  1.622  4.325  1.00 2.51 ? 2   ILE A O    1 
ATOM   16  C CB   . ILE A 1 2 ? -2.824 -0.043 4.706  1.00 2.59 ? 2   ILE A CB   1 
ATOM   17  C CG1  . ILE A 1 2 ? -4.267 0.021  4.170  1.00 3.14 ? 2   ILE A CG1  1 
ATOM   18  C CG2  . ILE A 1 2 ? -2.633 0.898  5.895  1.00 3.42 ? 2   ILE A CG2  1 
ATOM   19  C CD1  . ILE A 1 2 ? -4.741 1.409  3.780  1.00 4.17 ? 2   ILE A CD1  1 
ATOM   20  H H    . ILE A 1 2 ? -2.331 -1.482 2.821  1.00 2.28 ? 2   ILE A H    1 
ATOM   21  H HA   . ILE A 1 2 ? -2.098 1.081  3.129  1.00 2.50 ? 2   ILE A HA   1 
ATOM   22  H HB   . ILE A 1 2 ? -2.662 -0.948 5.014  1.00 3.10 ? 2   ILE A HB   1 
ATOM   23  H HG12 . ILE A 1 2 ? -4.329 -0.542 3.382  1.00 3.77 ? 2   ILE A HG12 1 
ATOM   24  H HG13 . ILE A 1 2 ? -4.866 -0.312 4.856  1.00 3.77 ? 2   ILE A HG13 1 
ATOM   25  H HG21 . ILE A 1 2 ? -3.282 0.674  6.581  1.00 4.10 ? 2   ILE A HG21 1 
ATOM   26  H HG22 . ILE A 1 2 ? -1.734 0.791  6.241  1.00 4.10 ? 2   ILE A HG22 1 
ATOM   27  H HG23 . ILE A 1 2 ? -2.769 1.812  5.599  1.00 4.10 ? 2   ILE A HG23 1 
ATOM   28  H HD11 . ILE A 1 2 ? -5.653 1.350  3.457  1.00 5.01 ? 2   ILE A HD11 1 
ATOM   29  H HD12 . ILE A 1 2 ? -4.702 1.985  4.559  1.00 5.01 ? 2   ILE A HD12 1 
ATOM   30  H HD13 . ILE A 1 2 ? -4.164 1.755  3.082  1.00 5.01 ? 2   ILE A HD13 1 
ATOM   31  N N    . ILE A 1 3 ? 0.385  -0.585 4.288  1.00 1.87 ? 3   ILE A N    1 
ATOM   32  C CA   . ILE A 1 3 ? 1.762  -0.413 4.758  1.00 1.99 ? 3   ILE A CA   1 
ATOM   33  C C    . ILE A 1 3 ? 2.644  0.279  3.700  1.00 2.07 ? 3   ILE A C    1 
ATOM   34  O O    . ILE A 1 3 ? 3.396  1.208  4.019  1.00 2.44 ? 3   ILE A O    1 
ATOM   35  C CB   . ILE A 1 3 ? 2.379  -1.756 5.223  1.00 2.53 ? 3   ILE A CB   1 
ATOM   36  C CG1  . ILE A 1 3 ? 1.647  -2.246 6.475  1.00 3.02 ? 3   ILE A CG1  1 
ATOM   37  C CG2  . ILE A 1 3 ? 3.867  -1.596 5.493  1.00 3.23 ? 3   ILE A CG2  1 
ATOM   38  C CD1  . ILE A 1 3 ? 2.099  -3.607 6.984  1.00 3.72 ? 3   ILE A CD1  1 
ATOM   39  H H    . ILE A 1 3 ? 0.148  -1.402 4.160  1.00 2.24 ? 3   ILE A H    1 
ATOM   40  H HA   . ILE A 1 3 ? 1.741  0.170  5.533  1.00 2.39 ? 3   ILE A HA   1 
ATOM   41  H HB   . ILE A 1 3 ? 2.260  -2.412 4.519  1.00 3.04 ? 3   ILE A HB   1 
ATOM   42  H HG12 . ILE A 1 3 ? 1.789  -1.605 7.189  1.00 3.62 ? 3   ILE A HG12 1 
ATOM   43  H HG13 . ILE A 1 3 ? 0.699  -2.308 6.276  1.00 3.62 ? 3   ILE A HG13 1 
ATOM   44  H HG21 . ILE A 1 3 ? 4.228  -2.448 5.783  1.00 3.87 ? 3   ILE A HG21 1 
ATOM   45  H HG22 . ILE A 1 3 ? 4.306  -1.309 4.678  1.00 3.87 ? 3   ILE A HG22 1 
ATOM   46  H HG23 . ILE A 1 3 ? 3.991  -0.930 6.188  1.00 3.87 ? 3   ILE A HG23 1 
ATOM   47  H HD11 . ILE A 1 3 ? 1.584  -3.834 7.774  1.00 4.46 ? 3   ILE A HD11 1 
ATOM   48  H HD12 . ILE A 1 3 ? 1.951  -4.268 6.290  1.00 4.46 ? 3   ILE A HD12 1 
ATOM   49  H HD13 . ILE A 1 3 ? 3.042  -3.563 7.204  1.00 4.46 ? 3   ILE A HD13 1 
ATOM   50  N N    . LEU A 1 4 ? 2.544  -0.160 2.443  1.00 2.00 ? 4   LEU A N    1 
ATOM   51  C CA   . LEU A 1 4 ? 3.423  0.358  1.390  1.00 2.42 ? 4   LEU A CA   1 
ATOM   52  C C    . LEU A 1 4 ? 2.999  1.711  0.828  1.00 2.49 ? 4   LEU A C    1 
ATOM   53  O O    . LEU A 1 4 ? 3.834  2.449  0.296  1.00 2.85 ? 4   LEU A O    1 
ATOM   54  C CB   . LEU A 1 4 ? 3.510  -0.620 0.215  1.00 2.78 ? 4   LEU A CB   1 
ATOM   55  C CG   . LEU A 1 4 ? 4.152  -1.981 0.476  1.00 3.44 ? 4   LEU A CG   1 
ATOM   56  C CD1  . LEU A 1 4 ? 4.121  -2.823 -0.779 1.00 4.05 ? 4   LEU A CD1  1 
ATOM   57  C CD2  . LEU A 1 4 ? 5.592  -1.832 0.992  1.00 4.08 ? 4   LEU A CD2  1 
ATOM   58  H H    . LEU A 1 4 ? 1.982  -0.753 2.176  1.00 2.40 ? 4   LEU A H    1 
ATOM   59  H HA   . LEU A 1 4 ? 4.316  0.459  1.755  1.00 2.91 ? 4   LEU A HA   1 
ATOM   60  H HB2  . LEU A 1 4 ? 2.609  -0.787 -0.102 1.00 3.33 ? 4   LEU A HB2  1 
ATOM   61  H HB3  . LEU A 1 4 ? 4.021  -0.195 -0.492 1.00 3.33 ? 4   LEU A HB3  1 
ATOM   62  H HG   . LEU A 1 4 ? 3.640  -2.443 1.157  1.00 4.13 ? 4   LEU A HG   1 
ATOM   63  H HD11 . LEU A 1 4 ? 4.533  -3.680 -0.593 1.00 4.86 ? 4   LEU A HD11 1 
ATOM   64  H HD12 . LEU A 1 4 ? 3.199  -2.950 -1.051 1.00 4.86 ? 4   LEU A HD12 1 
ATOM   65  H HD13 . LEU A 1 4 ? 4.613  -2.364 -1.479 1.00 4.86 ? 4   LEU A HD13 1 
ATOM   66  H HD21 . LEU A 1 4 ? 5.964  -2.713 1.145  1.00 4.90 ? 4   LEU A HD21 1 
ATOM   67  H HD22 . LEU A 1 4 ? 6.117  -1.360 0.327  1.00 4.90 ? 4   LEU A HD22 1 
ATOM   68  H HD23 . LEU A 1 4 ? 5.578  -1.328 1.821  1.00 4.90 ? 4   LEU A HD23 1 
ATOM   69  N N    . GLY A 1 5 ? 1.705  2.018  0.884  1.00 2.67 ? 5   GLY A N    1 
ATOM   70  C CA   . GLY A 1 5 ? 1.177  3.198  0.221  1.00 3.20 ? 5   GLY A CA   1 
ATOM   71  C C    . GLY A 1 5 ? 1.032  3.034  -1.279 1.00 4.50 ? 5   GLY A C    1 
ATOM   72  O O    . GLY A 1 5 ? 0.915  4.025  -1.998 1.00 6.35 ? 5   GLY A O    1 
ATOM   73  H H    . GLY A 1 5 ? 1.114  1.554  1.302  1.00 3.20 ? 5   GLY A H    1 
ATOM   74  H HA2  . GLY A 1 5 ? 0.305  3.406  0.589  1.00 3.84 ? 5   GLY A HA2  1 
ATOM   75  H HA3  . GLY A 1 5 ? 1.767  3.949  0.389  1.00 3.84 ? 5   GLY A HA3  1 
ATOM   76  N N    . ILE A 1 6 ? 1.060  1.807  -1.803 1.00 3.13 ? 6   ILE A N    1 
ATOM   77  C CA   . ILE A 1 6 ? 0.921  1.525  -3.220 1.00 3.46 ? 6   ILE A CA   1 
ATOM   78  C C    . ILE A 1 6 ? 0.357  0.102  -3.345 1.00 2.45 ? 6   ILE A C    1 
ATOM   79  O O    . ILE A 1 6 ? 0.397  -0.677 -2.384 1.00 2.38 ? 6   ILE A O    1 
ATOM   80  C CB   . ILE A 1 6 ? 2.305  1.670  -3.928 1.00 5.44 ? 6   ILE A CB   1 
ATOM   81  C CG1  . ILE A 1 6 ? 2.151  2.021  -5.409 1.00 6.87 ? 6   ILE A CG1  1 
ATOM   82  C CG2  . ILE A 1 6 ? 3.173  0.419  -3.725 1.00 5.50 ? 6   ILE A CG2  1 
ATOM   83  C CD1  . ILE A 1 6 ? 3.444  2.462  -6.062 1.00 7.91 ? 6   ILE A CD1  1 
ATOM   84  H HA   . ILE A 1 6 ? 0.295  2.148  -3.621 1.00 4.15 ? 6   ILE A HA   1 
ATOM   85  H HB   . ILE A 1 6 ? 2.767  2.409  -3.506 1.00 6.53 ? 6   ILE A HB   1 
ATOM   86  H HG12 . ILE A 1 6 ? 1.828  1.241  -5.884 1.00 8.24 ? 6   ILE A HG12 1 
ATOM   87  H HG13 . ILE A 1 6 ? 1.513  2.746  -5.494 1.00 8.24 ? 6   ILE A HG13 1 
ATOM   88  H HG21 . ILE A 1 6 ? 4.021  0.547  -4.179 1.00 6.60 ? 6   ILE A HG21 1 
ATOM   89  H HG22 . ILE A 1 6 ? 3.321  0.289  -2.776 1.00 6.60 ? 6   ILE A HG22 1 
ATOM   90  H HG23 . ILE A 1 6 ? 2.712  -0.349 -4.097 1.00 6.60 ? 6   ILE A HG23 1 
ATOM   91  H HD11 . ILE A 1 6 ? 3.271  2.667  -6.994 1.00 9.50 ? 6   ILE A HD11 1 
ATOM   92  H HD12 . ILE A 1 6 ? 3.776  3.249  -5.605 1.00 9.50 ? 6   ILE A HD12 1 
ATOM   93  H HD13 . ILE A 1 6 ? 4.091  1.742  -5.996 1.00 9.50 ? 6   ILE A HD13 1 
ATOM   94  N N    . LEU A 1 7 ? -0.169 -0.215 -4.528 1.00 2.17 ? 7   LEU A N    1 
ATOM   95  C CA   . LEU A 1 7 ? -0.657 -1.555 -4.852 1.00 2.34 ? 7   LEU A CA   1 
ATOM   96  C C    . LEU A 1 7 ? -1.731 -2.026 -3.867 1.00 2.37 ? 7   LEU A C    1 
ATOM   97  O O    . LEU A 1 7 ? -1.887 -3.221 -3.602 1.00 2.98 ? 7   LEU A O    1 
ATOM   98  C CB   . LEU A 1 7 ? 0.501  -2.551 -4.979 1.00 3.01 ? 7   LEU A CB   1 
ATOM   99  C CG   . LEU A 1 7 ? 1.338  -2.340 -6.252 1.00 4.03 ? 7   LEU A CG   1 
ATOM   100 C CD1  . LEU A 1 7 ? 2.667  -3.053 -6.150 1.00 4.94 ? 7   LEU A CD1  1 
ATOM   101 C CD2  . LEU A 1 7 ? 0.578  -2.816 -7.498 1.00 4.34 ? 7   LEU A CD2  1 
ATOM   102 H H    . LEU A 1 7 ? -0.255 0.344  -5.176 1.00 2.60 ? 7   LEU A H    1 
ATOM   103 H HA   . LEU A 1 7 ? -1.081 -1.511 -5.724 1.00 2.81 ? 7   LEU A HA   1 
ATOM   104 H HB2  . LEU A 1 7 ? 1.088  -2.449 -4.214 1.00 3.62 ? 7   LEU A HB2  1 
ATOM   105 H HB3  . LEU A 1 7 ? 0.141  -3.451 -5.003 1.00 3.62 ? 7   LEU A HB3  1 
ATOM   106 H HG   . LEU A 1 7 ? 1.517  -1.393 -6.355 1.00 4.83 ? 7   LEU A HG   1 
ATOM   107 H HD11 . LEU A 1 7 ? 3.170  -2.901 -6.966 1.00 5.93 ? 7   LEU A HD11 1 
ATOM   108 H HD12 . LEU A 1 7 ? 3.157  -2.702 -5.390 1.00 5.93 ? 7   LEU A HD12 1 
ATOM   109 H HD13 . LEU A 1 7 ? 2.508  -4.002 -6.032 1.00 5.93 ? 7   LEU A HD13 1 
ATOM   110 H HD21 . LEU A 1 7 ? 1.133  -2.669 -8.280 1.00 5.21 ? 7   LEU A HD21 1 
ATOM   111 H HD22 . LEU A 1 7 ? 0.380  -3.761 -7.404 1.00 5.21 ? 7   LEU A HD22 1 
ATOM   112 H HD23 . LEU A 1 7 ? -0.245 -2.310 -7.576 1.00 5.21 ? 7   LEU A HD23 1 
ATOM   113 N N    . GLY A 1 8 ? -2.495 -1.072 -3.346 1.00 2.19 ? 8   GLY A N    1 
ATOM   114 C CA   . GLY A 1 8 ? -3.563 -1.382 -2.416 1.00 2.23 ? 8   GLY A CA   1 
ATOM   115 C C    . GLY A 1 8 ? -3.102 -1.761 -1.014 1.00 1.90 ? 8   GLY A C    1 
ATOM   116 O O    . GLY A 1 8 ? -3.934 -2.112 -0.168 1.00 2.20 ? 8   GLY A O    1 
ATOM   117 H H    . GLY A 1 8 ? -2.412 -0.234 -3.519 1.00 2.63 ? 8   GLY A H    1 
ATOM   118 H HA2  . GLY A 1 8 ? -4.148 -0.611 -2.340 1.00 2.67 ? 8   GLY A HA2  1 
ATOM   119 H HA3  . GLY A 1 8 ? -4.084 -2.120 -2.769 1.00 2.67 ? 8   GLY A HA3  1 
HETATM 120 O O    . HOH B 2 . ? -0.390 -3.527 3.809  1.00 2.52 ? 101 HOH A O    1 
HETATM 121 O O    . HOH B 2 . ? 6.673  2.292  0.635  1.00 3.97 ? 102 HOH A O    1 
# 
loop_
_atom_site_anisotrop.id 
_atom_site_anisotrop.type_symbol 
_atom_site_anisotrop.pdbx_label_atom_id 
_atom_site_anisotrop.pdbx_label_alt_id 
_atom_site_anisotrop.pdbx_label_comp_id 
_atom_site_anisotrop.pdbx_label_asym_id 
_atom_site_anisotrop.pdbx_label_seq_id 
_atom_site_anisotrop.pdbx_PDB_ins_code 
_atom_site_anisotrop.U[1][1] 
_atom_site_anisotrop.U[2][2] 
_atom_site_anisotrop.U[3][3] 
_atom_site_anisotrop.U[1][2] 
_atom_site_anisotrop.U[1][3] 
_atom_site_anisotrop.U[2][3] 
_atom_site_anisotrop.pdbx_auth_seq_id 
_atom_site_anisotrop.pdbx_auth_comp_id 
_atom_site_anisotrop.pdbx_auth_asym_id 
_atom_site_anisotrop.pdbx_auth_atom_id 
1   N N   . SER A 1 ? 0.0272 0.0292 0.0231 -0.0017 -0.0065 0.0015  1 SER A N   
2   C CA  . SER A 1 ? 0.0250 0.0259 0.0212 -0.0006 -0.0059 0.0027  1 SER A CA  
3   C C   . SER A 1 ? 0.0238 0.0253 0.0229 0.0015  -0.0065 0.0018  1 SER A C   
4   O O   . SER A 1 ? 0.0313 0.0268 0.0268 0.0009  -0.0031 -0.0002 1 SER A O   
5   C CB  . SER A 1 ? 0.0290 0.0264 0.0235 0.0024  -0.0060 -0.0003 1 SER A CB  
6   O OG  . SER A 1 ? 0.0261 0.0250 0.0238 0.0031  -0.0061 0.0024  1 SER A OG  
12  N N   . ILE A 2 ? 0.0224 0.0247 0.0252 -0.0001 -0.0051 -0.0021 2 ILE A N   
13  C CA  . ILE A 2 ? 0.0268 0.0238 0.0285 0.0024  -0.0032 -0.0046 2 ILE A CA  
14  C C   . ILE A 2 ? 0.0314 0.0213 0.0259 -0.0001 -0.0047 -0.0047 2 ILE A C   
15  O O   . ILE A 2 ? 0.0318 0.0224 0.0410 -0.0001 -0.0095 -0.0076 2 ILE A O   
16  C CB  . ILE A 2 ? 0.0310 0.0339 0.0334 0.0009  0.0041  -0.0033 2 ILE A CB  
17  C CG1 . ILE A 2 ? 0.0294 0.0411 0.0488 0.0032  0.0040  0.0062  2 ILE A CG1 
18  C CG2 . ILE A 2 ? 0.0456 0.0461 0.0383 -0.0006 0.0082  -0.0118 2 ILE A CG2 
19  C CD1 . ILE A 2 ? 0.0314 0.0509 0.0762 0.0056  0.0001  0.0172  2 ILE A CD1 
31  N N   . ILE A 3 ? 0.0271 0.0185 0.0253 0.0000  -0.0062 -0.0057 3 ILE A N   
32  C CA  . ILE A 3 ? 0.0284 0.0229 0.0244 0.0061  -0.0077 -0.0052 3 ILE A CA  
33  C C   . ILE A 3 ? 0.0274 0.0229 0.0282 0.0036  -0.0080 -0.0046 3 ILE A C   
34  O O   . ILE A 3 ? 0.0313 0.0264 0.0350 -0.0039 -0.0099 -0.0070 3 ILE A O   
35  C CB  . ILE A 3 ? 0.0337 0.0284 0.0341 0.0043  -0.0119 -0.0011 3 ILE A CB  
36  C CG1 . ILE A 3 ? 0.0474 0.0354 0.0318 0.0023  -0.0083 -0.0017 3 ILE A CG1 
37  C CG2 . ILE A 3 ? 0.0370 0.0337 0.0519 0.0039  -0.0169 0.0026  3 ILE A CG2 
38  C CD1 . ILE A 3 ? 0.0582 0.0438 0.0394 0.0001  -0.0106 0.0042  3 ILE A CD1 
50  N N   . LEU A 4 ? 0.0246 0.0229 0.0286 -0.0007 -0.0030 -0.0044 4 LEU A N   
51  C CA  . LEU A 4 ? 0.0302 0.0285 0.0334 -0.0031 -0.0001 -0.0052 4 LEU A CA  
52  C C   . LEU A 4 ? 0.0336 0.0307 0.0303 -0.0072 0.0010  -0.0055 4 LEU A C   
53  O O   . LEU A 4 ? 0.0393 0.0321 0.0367 -0.0104 0.0021  -0.0060 4 LEU A O   
54  C CB  . LEU A 4 ? 0.0348 0.0302 0.0404 -0.0022 0.0064  -0.0068 4 LEU A CB  
55  C CG  . LEU A 4 ? 0.0449 0.0330 0.0526 -0.0013 0.0144  -0.0075 4 LEU A CG  
56  C CD1 . LEU A 4 ? 0.0585 0.0359 0.0594 -0.0022 0.0168  -0.0099 4 LEU A CD1 
57  C CD2 . LEU A 4 ? 0.0493 0.0365 0.0692 0.0120  0.0084  -0.0090 4 LEU A CD2 
69  N N   . GLY A 5 ? 0.0396 0.0277 0.0340 -0.0047 -0.0005 -0.0031 5 GLY A N   
70  C CA  . GLY A 5 ? 0.0570 0.0247 0.0399 -0.0017 -0.0063 -0.0005 5 GLY A CA  
71  C C   . GLY A 5 ? 0.0986 0.0287 0.0438 -0.0025 -0.0071 0.0017  5 GLY A C   
72  O O   . GLY A 5 ? 0.1464 0.0377 0.0571 -0.0014 -0.0112 0.0038  5 GLY A O   
76  N N   . ILE A 6 ? 0.0460 0.0373 0.0357 -0.0053 -0.0103 -0.0015 6 ILE A N   
77  C CA  . ILE A 6 ? 0.0524 0.0451 0.0339 -0.0118 -0.0012 0.0010  6 ILE A CA  
78  C C   . ILE A 6 ? 0.0350 0.0332 0.0249 -0.0003 -0.0027 0.0030  6 ILE A C   
79  O O   . ILE A 6 ? 0.0314 0.0323 0.0266 0.0031  -0.0066 0.0066  6 ILE A O   
80  C CB  . ILE A 6 ? 0.0795 0.0761 0.0513 -0.0300 0.0076  0.0027  6 ILE A CB  
81  C CG1 . ILE A 6 ? 0.1024 0.0950 0.0635 -0.0381 0.0029  0.0097  6 ILE A CG1 
82  C CG2 . ILE A 6 ? 0.0593 0.0926 0.0570 -0.0274 0.0081  -0.0011 6 ILE A CG2 
83  C CD1 . ILE A 6 ? 0.1125 0.1132 0.0750 -0.0420 0.0004  0.0156  6 ILE A CD1 
94  N N   . LEU A 7 ? 0.0330 0.0279 0.0215 0.0041  -0.0052 0.0038  7 LEU A N   
95  C CA  . LEU A 7 ? 0.0390 0.0242 0.0257 0.0100  -0.0016 -0.0001 7 LEU A CA  
96  C C   . LEU A 7 ? 0.0379 0.0276 0.0244 0.0083  -0.0063 -0.0001 7 LEU A C   
97  O O   . LEU A 7 ? 0.0489 0.0288 0.0356 0.0018  -0.0009 -0.0021 7 LEU A O   
98  C CB  . LEU A 7 ? 0.0472 0.0275 0.0397 0.0149  0.0052  0.0016  7 LEU A CB  
99  C CG  . LEU A 7 ? 0.0592 0.0407 0.0531 0.0167  0.0115  0.0053  7 LEU A CG  
100 C CD1 . LEU A 7 ? 0.0651 0.0536 0.0691 0.0195  0.0100  0.0056  7 LEU A CD1 
101 C CD2 . LEU A 7 ? 0.0746 0.0448 0.0454 0.0221  0.0150  0.0007  7 LEU A CD2 
113 N N   . GLY A 8 ? 0.0314 0.0289 0.0229 0.0018  -0.0066 0.0018  8 GLY A N   
114 C CA  . GLY A 8 ? 0.0285 0.0300 0.0261 0.0012  -0.0061 0.0024  8 GLY A CA  
115 C C   . GLY A 8 ? 0.0239 0.0241 0.0243 0.0014  -0.0056 0.0000  8 GLY A C   
116 O O   . GLY A 8 ? 0.0268 0.0316 0.0250 0.0002  -0.0074 0.0012  8 GLY A O   
# 
